data_8G2K
#
_entry.id   8G2K
#
_cell.length_a   101.199
_cell.length_b   101.199
_cell.length_c   384.462
_cell.angle_alpha   90.00
_cell.angle_beta   90.00
_cell.angle_gamma   120.00
#
_symmetry.space_group_name_H-M   'H 3 2'
#
loop_
_entity.id
_entity.type
_entity.pdbx_description
1 polymer Hemagglutinin
2 polymer Hemagglutinin
3 branched 2-acetamido-2-deoxy-beta-D-glucopyranose-(1-4)-2-acetamido-2-deoxy-beta-D-glucopyranose
4 branched beta-D-mannopyranose-(1-4)-2-acetamido-2-deoxy-beta-D-glucopyranose-(1-4)-2-acetamido-2-deoxy-beta-D-glucopyranose
5 non-polymer 2-acetamido-2-deoxy-beta-D-glucopyranose
6 water water
#
loop_
_entity_poly.entity_id
_entity_poly.type
_entity_poly.pdbx_seq_one_letter_code
_entity_poly.pdbx_strand_id
1 'polypeptide(L)'
;ASTATLCLGHHAVPNGTIVKTITNDQIEVTNATELVQSSSTGGICDSPHQILDGENCTLIDALLGDPQCDGFQNKKWDLF
VERSKAYSNCYPYDVPDYASLRSLVASSGTLEFNNESFNWTGVTQNGTSSSCKRRSNNSFFSRLNWLTHLKFKYPALNVT
MPNNEKFDKLYIWGVHHPGTNNDQISLYTQASGRITVSTKRSQQTVIPNIGSRPRVRDIPSRISIYWTIVKPGDILLINS
TGNLIAPRGYFKIRSGKSSIMRSDAPIGKCNSECITPNGSIPNDKPFQNVNRITYGACPRYVKQNTLKLATGMRNVPE
;
A
2 'polypeptide(L)'
;GIFGAIAGFIENGWEGMVDGWYGFRHQNSEGIGQAADLKSTQAAINQINGKLNRLIGKTNEKFHQIEKEFSEVEGRIQDL
EKYVEDTKIDLWSYNAELLVALENQHTIDLTDSEMNKLFERTKKQLRENAEDMGNGCFKIYHKCDNACIGSIRNGTYDHD
VYRDEALNNRFQI
;
B
#
loop_
_chem_comp.id
_chem_comp.type
_chem_comp.name
_chem_comp.formula
BMA D-saccharide, beta linking beta-D-mannopyranose 'C6 H12 O6'
NAG D-saccharide, beta linking 2-acetamido-2-deoxy-beta-D-glucopyranose 'C8 H15 N O6'
#
# COMPACT_ATOMS: atom_id res chain seq x y z
N ALA A 1 -66.60 1.61 -23.83
CA ALA A 1 -65.32 2.15 -24.29
C ALA A 1 -64.42 2.48 -23.11
N SER A 2 -64.23 1.50 -22.23
CA SER A 2 -63.43 1.67 -21.02
C SER A 2 -61.98 1.32 -21.28
N THR A 3 -61.08 1.99 -20.54
CA THR A 3 -59.65 1.88 -20.75
C THR A 3 -58.92 1.81 -19.42
N ALA A 4 -57.60 1.62 -19.51
CA ALA A 4 -56.73 1.59 -18.34
C ALA A 4 -55.39 2.20 -18.75
N THR A 5 -54.56 2.47 -17.75
CA THR A 5 -53.24 3.08 -17.97
C THR A 5 -52.18 2.28 -17.24
N LEU A 6 -51.02 2.12 -17.89
CA LEU A 6 -49.89 1.40 -17.31
C LEU A 6 -48.63 2.23 -17.56
N CYS A 7 -48.04 2.76 -16.49
CA CYS A 7 -46.85 3.58 -16.57
C CYS A 7 -45.64 2.81 -16.06
N LEU A 8 -44.58 2.80 -16.86
CA LEU A 8 -43.31 2.23 -16.45
C LEU A 8 -42.41 3.33 -15.90
N GLY A 9 -41.58 2.97 -14.93
CA GLY A 9 -40.76 3.98 -14.29
C GLY A 9 -39.62 3.36 -13.50
N HIS A 10 -38.87 4.24 -12.84
CA HIS A 10 -37.71 3.86 -12.06
C HIS A 10 -37.76 4.60 -10.74
N HIS A 11 -36.94 4.16 -9.80
CA HIS A 11 -36.95 4.77 -8.49
C HIS A 11 -36.07 6.03 -8.47
N ALA A 12 -36.16 6.75 -7.36
CA ALA A 12 -35.31 7.90 -7.09
C ALA A 12 -35.23 8.04 -5.57
N VAL A 13 -34.23 8.78 -5.11
CA VAL A 13 -34.01 8.94 -3.67
C VAL A 13 -33.90 10.43 -3.35
N PRO A 14 -34.18 10.80 -2.11
CA PRO A 14 -34.06 12.23 -1.72
C PRO A 14 -32.63 12.67 -1.47
N ASN A 15 -31.69 11.77 -1.26
CA ASN A 15 -30.31 12.11 -0.93
C ASN A 15 -29.38 11.43 -1.93
N GLY A 16 -29.22 12.05 -3.10
CA GLY A 16 -28.33 11.54 -4.12
C GLY A 16 -26.87 11.93 -3.88
N THR A 17 -26.01 11.46 -4.78
CA THR A 17 -24.58 11.70 -4.69
C THR A 17 -24.04 12.16 -6.05
N ILE A 18 -23.14 13.13 -6.02
CA ILE A 18 -22.52 13.65 -7.23
C ILE A 18 -21.34 12.78 -7.62
N VAL A 19 -21.23 12.45 -8.91
CA VAL A 19 -20.12 11.69 -9.45
C VAL A 19 -19.69 12.33 -10.76
N LYS A 20 -18.51 11.92 -11.25
CA LYS A 20 -17.99 12.37 -12.52
C LYS A 20 -18.19 11.30 -13.59
N THR A 21 -18.38 11.75 -14.82
CA THR A 21 -18.42 10.85 -15.97
C THR A 21 -17.50 11.38 -17.07
N ILE A 22 -17.54 10.75 -18.24
CA ILE A 22 -16.72 11.21 -19.36
C ILE A 22 -17.21 12.57 -19.85
N THR A 23 -18.52 12.80 -19.81
CA THR A 23 -19.12 13.99 -20.40
C THR A 23 -19.60 15.00 -19.38
N ASN A 24 -19.48 14.70 -18.09
CA ASN A 24 -20.08 15.56 -17.06
C ASN A 24 -19.24 15.46 -15.79
N ASP A 25 -18.80 16.62 -15.29
CA ASP A 25 -18.05 16.65 -14.04
C ASP A 25 -18.96 16.65 -12.81
N GLN A 26 -20.27 16.85 -12.98
CA GLN A 26 -21.19 16.84 -11.85
C GLN A 26 -22.52 16.28 -12.32
N ILE A 27 -22.78 15.02 -12.00
CA ILE A 27 -24.04 14.36 -12.30
C ILE A 27 -24.43 13.53 -11.09
N GLU A 28 -25.70 13.57 -10.72
CA GLU A 28 -26.17 12.97 -9.47
C GLU A 28 -26.76 11.59 -9.74
N VAL A 29 -26.33 10.62 -8.93
CA VAL A 29 -26.83 9.26 -9.00
C VAL A 29 -27.44 8.92 -7.63
N THR A 30 -28.15 7.78 -7.59
CA THR A 30 -28.88 7.44 -6.37
C THR A 30 -27.93 6.99 -5.26
N ASN A 31 -26.82 6.35 -5.61
CA ASN A 31 -25.90 5.83 -4.62
C ASN A 31 -24.51 5.73 -5.25
N ALA A 32 -23.49 5.82 -4.41
CA ALA A 32 -22.11 5.68 -4.85
C ALA A 32 -21.30 5.09 -3.71
N THR A 33 -20.04 4.76 -4.01
CA THR A 33 -19.13 4.21 -3.02
C THR A 33 -17.76 4.84 -3.23
N GLU A 34 -17.06 5.10 -2.13
CA GLU A 34 -15.77 5.76 -2.16
C GLU A 34 -14.67 4.76 -2.52
N LEU A 35 -13.80 5.15 -3.45
CA LEU A 35 -12.72 4.30 -3.90
C LEU A 35 -11.35 4.71 -3.35
N VAL A 36 -11.24 5.87 -2.70
CA VAL A 36 -9.97 6.35 -2.16
C VAL A 36 -10.05 6.28 -0.64
N GLN A 37 -9.16 5.48 -0.04
CA GLN A 37 -9.00 5.46 1.41
C GLN A 37 -8.20 6.69 1.82
N SER A 38 -8.78 7.54 2.67
CA SER A 38 -8.20 8.82 3.01
C SER A 38 -7.91 9.00 4.50
N SER A 39 -8.28 8.03 5.33
CA SER A 39 -8.12 8.16 6.77
C SER A 39 -7.35 6.97 7.32
N SER A 40 -6.57 7.23 8.37
CA SER A 40 -5.83 6.20 9.08
C SER A 40 -6.37 6.06 10.49
N THR A 41 -6.42 4.82 10.98
CA THR A 41 -6.84 4.60 12.36
C THR A 41 -5.92 5.33 13.34
N GLY A 42 -4.65 5.49 12.98
CA GLY A 42 -3.71 6.21 13.81
C GLY A 42 -2.52 5.39 14.24
N GLY A 43 -2.76 4.10 14.55
CA GLY A 43 -1.71 3.24 15.05
C GLY A 43 -1.33 2.12 14.11
N ILE A 44 -0.12 1.60 14.27
CA ILE A 44 0.35 0.45 13.50
C ILE A 44 -0.10 -0.82 14.21
N CYS A 45 -0.64 -1.76 13.46
CA CYS A 45 -1.10 -3.02 14.01
C CYS A 45 0.05 -4.02 14.05
N ASP A 46 0.25 -4.65 15.21
CA ASP A 46 1.33 -5.62 15.38
C ASP A 46 1.05 -6.94 14.71
N SER A 47 -0.08 -7.08 14.01
CA SER A 47 -0.44 -8.28 13.28
C SER A 47 -1.00 -7.86 11.92
N PRO A 48 -0.88 -8.73 10.91
CA PRO A 48 -0.27 -10.06 10.91
C PRO A 48 1.22 -10.04 10.60
N HIS A 49 1.82 -8.86 10.46
CA HIS A 49 3.24 -8.76 10.19
C HIS A 49 4.01 -8.67 11.50
N GLN A 50 5.19 -9.28 11.53
CA GLN A 50 6.06 -9.22 12.71
C GLN A 50 6.71 -7.85 12.75
N ILE A 51 6.25 -6.99 13.65
CA ILE A 51 6.76 -5.64 13.79
C ILE A 51 7.87 -5.64 14.83
N LEU A 52 8.93 -4.88 14.56
CA LEU A 52 10.02 -4.69 15.51
C LEU A 52 10.18 -3.19 15.74
N ASP A 53 9.77 -2.73 16.92
CA ASP A 53 9.88 -1.32 17.29
C ASP A 53 11.34 -1.03 17.66
N GLY A 54 11.97 -0.14 16.89
CA GLY A 54 13.35 0.22 17.17
C GLY A 54 13.53 1.06 18.43
N GLU A 55 12.49 1.76 18.85
CA GLU A 55 12.55 2.61 20.05
C GLU A 55 13.67 3.61 19.87
N ASN A 56 14.69 3.64 20.75
CA ASN A 56 15.77 4.61 20.67
C ASN A 56 16.87 4.20 19.69
N CYS A 57 16.72 3.08 18.99
CA CYS A 57 17.79 2.49 18.20
C CYS A 57 17.47 2.53 16.72
N THR A 58 18.45 2.92 15.91
CA THR A 58 18.38 2.71 14.48
C THR A 58 18.75 1.26 14.15
N LEU A 59 18.49 0.84 12.92
CA LEU A 59 18.83 -0.50 12.50
C LEU A 59 20.33 -0.74 12.58
N ILE A 60 21.12 0.26 12.21
CA ILE A 60 22.58 0.10 12.21
C ILE A 60 23.09 -0.03 13.64
N ASP A 61 22.51 0.73 14.58
CA ASP A 61 22.95 0.65 15.96
C ASP A 61 22.71 -0.73 16.54
N ALA A 62 21.56 -1.33 16.25
CA ALA A 62 21.31 -2.71 16.67
C ALA A 62 22.28 -3.67 15.98
N LEU A 63 22.57 -3.42 14.70
CA LEU A 63 23.51 -4.27 13.97
C LEU A 63 24.89 -4.25 14.62
N LEU A 64 25.41 -3.06 14.92
CA LEU A 64 26.77 -2.96 15.45
C LEU A 64 26.85 -3.48 16.88
N GLY A 65 25.82 -3.21 17.67
CA GLY A 65 25.82 -3.64 19.07
C GLY A 65 25.89 -2.48 20.04
N ASP A 66 25.18 -1.40 19.74
CA ASP A 66 25.09 -0.28 20.67
C ASP A 66 24.48 -0.77 21.98
N PRO A 67 25.09 -0.49 23.14
CA PRO A 67 24.61 -1.10 24.39
C PRO A 67 23.11 -0.96 24.63
N GLN A 68 22.53 0.20 24.35
CA GLN A 68 21.09 0.36 24.55
C GLN A 68 20.27 -0.48 23.58
N CYS A 69 20.91 -1.21 22.66
CA CYS A 69 20.22 -2.03 21.68
C CYS A 69 20.58 -3.51 21.83
N ASP A 70 21.02 -3.93 23.02
CA ASP A 70 21.40 -5.32 23.21
C ASP A 70 20.18 -6.24 23.22
N GLY A 71 19.02 -5.73 23.63
CA GLY A 71 17.81 -6.53 23.59
C GLY A 71 17.41 -6.95 22.19
N PHE A 72 17.98 -6.31 21.17
CA PHE A 72 17.63 -6.60 19.79
C PHE A 72 18.44 -7.74 19.19
N GLN A 73 19.38 -8.31 19.93
CA GLN A 73 20.29 -9.30 19.36
C GLN A 73 19.53 -10.51 18.84
N ASN A 74 19.79 -10.87 17.59
CA ASN A 74 19.26 -12.06 16.93
C ASN A 74 17.77 -11.98 16.65
N LYS A 75 17.19 -10.77 16.66
CA LYS A 75 15.76 -10.63 16.38
C LYS A 75 15.49 -10.69 14.88
N LYS A 76 14.31 -11.19 14.54
CA LYS A 76 13.80 -11.16 13.18
C LYS A 76 12.73 -10.08 13.06
N TRP A 77 12.24 -9.88 11.84
CA TRP A 77 11.15 -8.93 11.64
C TRP A 77 10.66 -9.00 10.21
N ASP A 78 9.36 -8.75 10.03
CA ASP A 78 8.84 -8.45 8.71
C ASP A 78 9.04 -6.97 8.40
N LEU A 79 8.75 -6.09 9.36
CA LEU A 79 8.90 -4.64 9.19
C LEU A 79 9.61 -4.08 10.41
N PHE A 80 10.76 -3.44 10.18
CA PHE A 80 11.49 -2.74 11.22
C PHE A 80 11.06 -1.27 11.22
N VAL A 81 10.66 -0.77 12.39
CA VAL A 81 10.09 0.56 12.51
C VAL A 81 11.08 1.45 13.25
N GLU A 82 11.67 2.40 12.53
CA GLU A 82 12.61 3.36 13.11
C GLU A 82 11.87 4.59 13.60
N ARG A 83 12.27 5.09 14.76
CA ARG A 83 11.67 6.26 15.38
C ARG A 83 12.56 7.48 15.17
N SER A 84 11.93 8.65 15.07
CA SER A 84 12.68 9.89 14.89
C SER A 84 13.45 10.28 16.15
N LYS A 85 13.00 9.82 17.32
CA LYS A 85 13.71 10.08 18.57
C LYS A 85 15.04 9.36 18.66
N ALA A 86 15.29 8.39 17.78
CA ALA A 86 16.46 7.54 17.92
C ALA A 86 17.74 8.37 17.94
N TYR A 87 18.77 7.82 18.57
CA TYR A 87 20.07 8.47 18.68
C TYR A 87 21.12 7.41 18.97
N SER A 88 22.33 7.67 18.49
CA SER A 88 23.46 6.77 18.78
C SER A 88 24.07 7.15 20.12
N ASN A 89 24.30 6.16 20.97
CA ASN A 89 24.83 6.36 22.31
C ASN A 89 26.07 5.49 22.54
N CYS A 90 27.01 5.57 21.61
CA CYS A 90 28.24 4.78 21.71
C CYS A 90 29.37 5.52 21.01
N TYR A 91 30.35 4.79 20.50
CA TYR A 91 31.48 5.42 19.83
C TYR A 91 31.01 6.09 18.54
N PRO A 92 31.42 7.34 18.28
CA PRO A 92 30.98 8.01 17.04
C PRO A 92 31.46 7.25 15.81
N TYR A 93 30.55 7.12 14.84
CA TYR A 93 30.86 6.35 13.64
C TYR A 93 30.11 6.93 12.44
N ASP A 94 30.62 6.62 11.26
CA ASP A 94 29.97 6.95 9.99
C ASP A 94 30.09 5.76 9.07
N VAL A 95 29.14 5.65 8.14
CA VAL A 95 29.12 4.54 7.20
C VAL A 95 29.16 5.05 5.76
N PRO A 96 30.25 4.85 5.02
CA PRO A 96 30.21 5.08 3.58
C PRO A 96 29.09 4.24 2.95
N ASP A 97 28.20 4.92 2.22
CA ASP A 97 27.01 4.28 1.67
C ASP A 97 26.14 3.72 2.79
N TYR A 98 25.91 4.57 3.81
CA TYR A 98 25.03 4.21 4.92
C TYR A 98 23.70 3.69 4.41
N ALA A 99 23.14 4.35 3.38
CA ALA A 99 21.81 3.99 2.91
C ALA A 99 21.77 2.57 2.37
N SER A 100 22.84 2.13 1.69
CA SER A 100 22.84 0.79 1.11
C SER A 100 22.93 -0.30 2.17
N LEU A 101 23.80 -0.11 3.16
CA LEU A 101 23.89 -1.08 4.24
C LEU A 101 22.56 -1.19 4.98
N ARG A 102 21.96 -0.04 5.31
CA ARG A 102 20.65 -0.03 5.95
C ARG A 102 19.62 -0.80 5.12
N SER A 103 19.70 -0.67 3.79
CA SER A 103 18.71 -1.29 2.93
C SER A 103 18.87 -2.81 2.89
N LEU A 104 20.10 -3.28 2.64
CA LEU A 104 20.30 -4.72 2.48
C LEU A 104 20.06 -5.47 3.78
N VAL A 105 20.35 -4.84 4.92
CA VAL A 105 20.02 -5.45 6.21
C VAL A 105 18.51 -5.49 6.40
N ALA A 106 17.84 -4.37 6.13
CA ALA A 106 16.38 -4.31 6.27
C ALA A 106 15.71 -5.34 5.36
N SER A 107 16.21 -5.50 4.13
CA SER A 107 15.62 -6.48 3.22
C SER A 107 15.91 -7.90 3.68
N SER A 108 17.03 -8.13 4.35
CA SER A 108 17.34 -9.46 4.84
C SER A 108 16.38 -9.89 5.94
N GLY A 109 16.09 -8.99 6.87
CA GLY A 109 15.07 -9.24 7.87
C GLY A 109 15.51 -9.99 9.10
N THR A 110 16.81 -10.01 9.41
CA THR A 110 17.28 -10.75 10.58
C THR A 110 18.60 -10.15 11.07
N LEU A 111 18.82 -10.29 12.39
CA LEU A 111 20.08 -9.91 13.02
C LEU A 111 20.82 -11.12 13.59
N GLU A 112 20.47 -12.33 13.14
CA GLU A 112 21.14 -13.53 13.61
C GLU A 112 22.64 -13.43 13.40
N PHE A 113 23.40 -13.63 14.48
CA PHE A 113 24.84 -13.46 14.47
C PHE A 113 25.49 -14.72 15.02
N ASN A 114 26.40 -15.30 14.23
CA ASN A 114 27.21 -16.44 14.66
C ASN A 114 28.62 -15.95 15.00
N ASN A 115 29.11 -16.32 16.17
CA ASN A 115 30.47 -15.96 16.57
C ASN A 115 31.47 -16.92 15.95
N GLU A 116 32.61 -16.38 15.54
CA GLU A 116 33.70 -17.16 14.96
C GLU A 116 34.99 -16.82 15.68
N SER A 117 35.74 -17.85 16.05
CA SER A 117 36.99 -17.65 16.81
C SER A 117 38.09 -17.24 15.84
N PHE A 118 38.16 -15.94 15.57
CA PHE A 118 39.28 -15.40 14.83
C PHE A 118 40.56 -15.58 15.63
N ASN A 119 41.66 -15.86 14.93
CA ASN A 119 42.95 -16.11 15.58
C ASN A 119 43.71 -14.79 15.67
N TRP A 120 43.46 -14.05 16.76
CA TRP A 120 44.15 -12.79 17.00
C TRP A 120 45.28 -13.03 18.00
N THR A 121 46.37 -13.62 17.50
CA THR A 121 47.56 -13.81 18.31
C THR A 121 48.49 -12.62 18.16
N GLY A 122 49.11 -12.22 19.27
CA GLY A 122 49.99 -11.08 19.26
C GLY A 122 49.32 -9.74 19.36
N VAL A 123 48.07 -9.70 19.82
CA VAL A 123 47.32 -8.45 19.92
C VAL A 123 46.39 -8.54 21.12
N THR A 124 46.05 -7.38 21.66
CA THR A 124 45.06 -7.29 22.74
C THR A 124 43.67 -7.10 22.15
N GLN A 125 42.69 -7.74 22.76
CA GLN A 125 41.31 -7.71 22.29
C GLN A 125 40.43 -7.00 23.31
N ASN A 126 39.19 -6.70 22.88
CA ASN A 126 38.15 -6.16 23.75
C ASN A 126 38.47 -4.73 24.20
N GLY A 127 38.92 -3.90 23.26
CA GLY A 127 39.15 -2.51 23.59
C GLY A 127 37.86 -1.81 24.01
N THR A 128 38.00 -0.84 24.92
CA THR A 128 36.86 -0.18 25.52
C THR A 128 37.02 1.33 25.41
N SER A 129 35.95 2.05 25.75
CA SER A 129 35.95 3.50 25.70
C SER A 129 34.88 4.04 26.65
N SER A 130 35.15 5.22 27.23
CA SER A 130 34.20 5.81 28.17
C SER A 130 32.95 6.33 27.49
N SER A 131 32.97 6.54 26.17
CA SER A 131 31.81 7.03 25.45
C SER A 131 30.78 5.95 25.18
N CYS A 132 31.13 4.67 25.36
CA CYS A 132 30.25 3.54 25.09
C CYS A 132 30.19 2.71 26.38
N LYS A 133 29.30 3.10 27.29
CA LYS A 133 29.17 2.42 28.57
C LYS A 133 28.07 1.36 28.49
N ARG A 134 28.37 0.19 29.06
CA ARG A 134 27.43 -0.92 29.15
C ARG A 134 27.42 -1.37 30.61
N ARG A 135 26.28 -1.18 31.29
CA ARG A 135 26.15 -1.49 32.71
C ARG A 135 26.99 -0.57 33.58
N SER A 136 27.27 0.64 33.08
CA SER A 136 28.05 1.70 33.71
C SER A 136 29.55 1.48 33.56
N ASN A 137 29.99 0.35 32.99
CA ASN A 137 31.40 0.07 32.76
C ASN A 137 31.74 0.33 31.29
N ASN A 138 32.95 0.82 31.04
CA ASN A 138 33.39 1.10 29.68
C ASN A 138 33.33 -0.15 28.82
N SER A 139 32.78 -0.01 27.62
CA SER A 139 32.60 -1.17 26.74
C SER A 139 32.70 -0.69 25.29
N PHE A 140 32.13 -1.46 24.37
CA PHE A 140 32.28 -1.24 22.94
C PHE A 140 31.09 -1.89 22.23
N PHE A 141 31.07 -1.78 20.90
CA PHE A 141 30.04 -2.45 20.12
C PHE A 141 30.13 -3.96 20.32
N SER A 142 28.99 -4.57 20.66
CA SER A 142 28.98 -5.99 21.03
C SER A 142 29.44 -6.90 19.90
N ARG A 143 29.34 -6.47 18.65
CA ARG A 143 29.71 -7.29 17.50
C ARG A 143 31.02 -6.88 16.87
N LEU A 144 31.73 -5.90 17.42
CA LEU A 144 33.02 -5.46 16.91
C LEU A 144 34.08 -5.63 17.99
N ASN A 145 35.32 -5.84 17.56
CA ASN A 145 36.45 -6.09 18.45
C ASN A 145 37.53 -5.05 18.19
N TRP A 146 37.71 -4.13 19.13
CA TRP A 146 38.74 -3.11 19.03
C TRP A 146 40.08 -3.72 19.43
N LEU A 147 40.98 -3.84 18.47
CA LEU A 147 42.28 -4.47 18.70
C LEU A 147 43.33 -3.42 19.02
N THR A 148 44.23 -3.76 19.94
CA THR A 148 45.31 -2.87 20.37
C THR A 148 46.54 -3.69 20.66
N HIS A 149 47.67 -2.99 20.88
CA HIS A 149 48.93 -3.68 21.10
C HIS A 149 48.90 -4.46 22.42
N LEU A 150 49.84 -5.39 22.54
CA LEU A 150 49.96 -6.24 23.73
C LEU A 150 51.17 -5.83 24.56
N LYS A 151 52.38 -6.18 24.12
CA LYS A 151 53.60 -5.74 24.80
C LYS A 151 54.27 -4.62 24.01
N PHE A 152 53.53 -3.53 23.80
CA PHE A 152 54.01 -2.38 23.05
C PHE A 152 54.45 -2.78 21.63
N LYS A 153 53.73 -3.74 21.05
CA LYS A 153 53.99 -4.18 19.68
C LYS A 153 52.67 -4.53 19.02
N TYR A 154 52.57 -4.24 17.72
CA TYR A 154 51.40 -4.58 16.91
C TYR A 154 51.88 -5.18 15.60
N PRO A 155 51.95 -6.50 15.48
CA PRO A 155 52.49 -7.11 14.26
C PRO A 155 51.49 -7.10 13.13
N ALA A 156 52.02 -7.31 11.92
CA ALA A 156 51.17 -7.38 10.74
C ALA A 156 50.21 -8.55 10.84
N LEU A 157 48.91 -8.26 10.80
CA LEU A 157 47.88 -9.27 10.87
C LEU A 157 47.55 -9.78 9.46
N ASN A 158 47.59 -11.10 9.30
CA ASN A 158 47.26 -11.76 8.03
C ASN A 158 46.41 -12.98 8.39
N VAL A 159 45.13 -12.73 8.71
CA VAL A 159 44.23 -13.72 9.26
C VAL A 159 43.29 -14.23 8.18
N THR A 160 42.82 -15.47 8.36
CA THR A 160 42.00 -16.15 7.37
C THR A 160 40.75 -16.73 8.02
N MET A 161 39.66 -16.73 7.27
CA MET A 161 38.39 -17.30 7.73
C MET A 161 37.60 -17.81 6.54
N PRO A 162 37.44 -19.13 6.38
CA PRO A 162 36.74 -19.65 5.20
C PRO A 162 35.26 -19.83 5.41
N ASN A 163 34.51 -19.63 4.33
CA ASN A 163 33.07 -19.86 4.32
C ASN A 163 32.82 -21.25 3.74
N ASN A 164 32.93 -22.26 4.60
CA ASN A 164 32.64 -23.63 4.23
C ASN A 164 31.17 -24.00 4.48
N GLU A 165 30.29 -23.02 4.53
CA GLU A 165 28.88 -23.24 4.80
C GLU A 165 28.10 -23.26 3.48
N LYS A 166 26.78 -23.37 3.61
CA LYS A 166 25.89 -23.41 2.46
C LYS A 166 25.23 -22.07 2.18
N PHE A 167 25.52 -21.04 2.97
CA PHE A 167 24.88 -19.74 2.87
C PHE A 167 25.94 -18.64 2.83
N ASP A 168 25.48 -17.42 2.56
CA ASP A 168 26.38 -16.28 2.53
C ASP A 168 26.64 -15.76 3.93
N LYS A 169 27.81 -15.14 4.11
CA LYS A 169 28.20 -14.52 5.37
C LYS A 169 28.35 -13.02 5.15
N LEU A 170 27.71 -12.22 6.00
CA LEU A 170 27.88 -10.78 5.99
C LEU A 170 28.80 -10.39 7.15
N TYR A 171 29.93 -9.79 6.82
CA TYR A 171 30.92 -9.35 7.80
C TYR A 171 30.86 -7.83 7.93
N ILE A 172 30.70 -7.36 9.16
CA ILE A 172 30.72 -5.93 9.46
C ILE A 172 32.01 -5.64 10.22
N TRP A 173 32.80 -4.72 9.69
CA TRP A 173 34.07 -4.32 10.29
C TRP A 173 34.22 -2.82 10.15
N GLY A 174 35.28 -2.28 10.75
CA GLY A 174 35.48 -0.84 10.76
C GLY A 174 36.94 -0.46 10.84
N VAL A 175 37.20 0.82 10.64
CA VAL A 175 38.54 1.40 10.68
C VAL A 175 38.52 2.55 11.68
N HIS A 176 39.53 2.59 12.56
CA HIS A 176 39.64 3.64 13.56
C HIS A 176 40.50 4.78 13.00
N HIS A 177 39.99 6.00 13.14
CA HIS A 177 40.72 7.22 12.75
C HIS A 177 41.07 7.99 14.01
N PRO A 178 42.24 7.74 14.62
CA PRO A 178 42.60 8.47 15.84
C PRO A 178 42.63 9.97 15.59
N GLY A 179 42.28 10.72 16.65
CA GLY A 179 42.21 12.16 16.54
C GLY A 179 43.54 12.88 16.60
N THR A 180 44.59 12.20 17.05
CA THR A 180 45.90 12.82 17.19
C THR A 180 46.99 11.81 16.87
N ASN A 181 48.19 12.31 16.59
CA ASN A 181 49.34 11.43 16.34
C ASN A 181 49.67 10.59 17.57
N ASN A 182 49.66 11.22 18.76
CA ASN A 182 50.01 10.48 19.96
C ASN A 182 49.05 9.33 20.21
N ASP A 183 47.77 9.48 19.85
CA ASP A 183 46.82 8.40 20.04
C ASP A 183 47.13 7.23 19.11
N GLN A 184 47.50 7.53 17.86
CA GLN A 184 47.84 6.46 16.93
C GLN A 184 48.98 5.59 17.45
N ILE A 185 50.00 6.21 18.02
CA ILE A 185 51.20 5.46 18.42
C ILE A 185 50.97 4.75 19.75
N SER A 186 50.24 5.36 20.67
CA SER A 186 49.94 4.69 21.93
C SER A 186 48.91 3.56 21.75
N LEU A 187 48.19 3.55 20.63
CA LEU A 187 47.25 2.47 20.35
C LEU A 187 47.89 1.34 19.55
N TYR A 188 48.68 1.66 18.52
CA TYR A 188 49.19 0.67 17.59
C TYR A 188 50.70 0.72 17.42
N THR A 189 51.40 1.55 18.18
CA THR A 189 52.86 1.61 18.22
C THR A 189 53.48 1.90 16.85
N GLN A 190 52.69 2.33 15.88
CA GLN A 190 53.18 2.54 14.52
C GLN A 190 52.39 3.68 13.89
N ALA A 191 52.94 4.24 12.82
CA ALA A 191 52.21 5.21 12.02
C ALA A 191 51.05 4.50 11.31
N SER A 192 49.93 5.22 11.17
CA SER A 192 48.73 4.61 10.63
C SER A 192 49.01 3.94 9.29
N GLY A 193 48.57 2.69 9.17
CA GLY A 193 48.77 1.93 7.94
C GLY A 193 47.45 1.40 7.44
N ARG A 194 47.40 1.16 6.13
CA ARG A 194 46.15 0.79 5.48
C ARG A 194 45.71 -0.61 5.90
N ILE A 195 44.40 -0.84 5.83
CA ILE A 195 43.79 -2.15 6.07
C ILE A 195 43.32 -2.69 4.73
N THR A 196 43.25 -4.01 4.61
CA THR A 196 42.84 -4.63 3.36
C THR A 196 42.04 -5.90 3.67
N VAL A 197 40.73 -5.84 3.47
CA VAL A 197 39.86 -7.00 3.57
C VAL A 197 39.56 -7.47 2.16
N SER A 198 39.87 -8.73 1.85
CA SER A 198 39.78 -9.23 0.50
C SER A 198 39.16 -10.62 0.48
N THR A 199 38.70 -11.01 -0.70
CA THR A 199 38.17 -12.35 -0.95
C THR A 199 38.61 -12.77 -2.34
N LYS A 200 38.25 -14.00 -2.73
CA LYS A 200 38.55 -14.44 -4.08
C LYS A 200 37.90 -13.54 -5.12
N ARG A 201 36.80 -12.88 -4.76
CA ARG A 201 35.98 -12.14 -5.71
C ARG A 201 35.94 -10.64 -5.45
N SER A 202 36.58 -10.15 -4.40
CA SER A 202 36.51 -8.74 -4.07
C SER A 202 37.81 -8.30 -3.39
N GLN A 203 37.89 -7.00 -3.11
CA GLN A 203 39.07 -6.40 -2.50
C GLN A 203 38.72 -4.99 -2.01
N GLN A 204 38.91 -4.74 -0.72
CA GLN A 204 38.65 -3.43 -0.13
C GLN A 204 39.86 -3.02 0.70
N THR A 205 40.43 -1.86 0.39
CA THR A 205 41.56 -1.32 1.14
C THR A 205 41.19 0.06 1.65
N VAL A 206 41.48 0.33 2.92
CA VAL A 206 41.14 1.58 3.57
C VAL A 206 42.38 2.17 4.22
N ILE A 207 42.50 3.49 4.18
CA ILE A 207 43.61 4.22 4.78
C ILE A 207 43.09 4.96 6.00
N PRO A 208 43.61 4.70 7.20
CA PRO A 208 43.23 5.52 8.36
C PRO A 208 43.77 6.93 8.21
N ASN A 209 42.92 7.91 8.48
CA ASN A 209 43.26 9.32 8.35
C ASN A 209 43.25 9.95 9.74
N ILE A 210 44.44 10.20 10.27
CA ILE A 210 44.57 10.82 11.59
C ILE A 210 44.27 12.31 11.47
N GLY A 211 43.62 12.85 12.48
CA GLY A 211 43.23 14.24 12.50
C GLY A 211 41.99 14.44 13.34
N SER A 212 41.80 15.67 13.78
CA SER A 212 40.72 16.00 14.69
C SER A 212 39.44 16.30 13.92
N ARG A 213 38.33 15.70 14.35
CA ARG A 213 37.00 16.04 13.92
C ARG A 213 36.25 16.71 15.07
N PRO A 214 35.18 17.44 14.78
CA PRO A 214 34.37 18.01 15.86
C PRO A 214 33.95 16.92 16.84
N ARG A 215 34.11 17.21 18.14
CA ARG A 215 33.87 16.20 19.15
C ARG A 215 32.39 15.90 19.30
N VAL A 216 32.07 14.62 19.44
CA VAL A 216 30.71 14.14 19.66
C VAL A 216 30.77 13.14 20.81
N ARG A 217 30.02 13.44 21.88
CA ARG A 217 30.08 12.64 23.10
C ARG A 217 31.51 12.60 23.64
N ASP A 218 32.23 13.71 23.48
CA ASP A 218 33.57 13.89 24.02
C ASP A 218 34.57 12.94 23.35
N ILE A 219 34.50 12.83 22.03
CA ILE A 219 35.40 11.96 21.26
C ILE A 219 35.81 12.67 19.98
N PRO A 220 37.08 13.03 19.81
CA PRO A 220 37.52 13.63 18.53
C PRO A 220 37.83 12.61 17.46
N SER A 221 37.92 11.32 17.79
CA SER A 221 38.22 10.29 16.81
C SER A 221 36.96 9.89 16.06
N ARG A 222 37.11 8.94 15.13
CA ARG A 222 35.99 8.47 14.33
C ARG A 222 36.23 7.02 13.94
N ILE A 223 35.14 6.29 13.72
CA ILE A 223 35.18 4.95 13.16
C ILE A 223 34.38 4.94 11.87
N SER A 224 34.92 4.30 10.84
CA SER A 224 34.26 4.15 9.56
C SER A 224 33.91 2.68 9.35
N ILE A 225 32.64 2.40 9.07
CA ILE A 225 32.13 1.04 8.99
C ILE A 225 32.10 0.59 7.53
N TYR A 226 32.51 -0.65 7.30
CA TYR A 226 32.47 -1.28 5.99
C TYR A 226 31.86 -2.67 6.15
N TRP A 227 31.51 -3.28 5.03
CA TRP A 227 30.93 -4.63 5.05
C TRP A 227 31.44 -5.42 3.86
N THR A 228 31.44 -6.75 4.03
CA THR A 228 31.89 -7.67 3.01
C THR A 228 30.98 -8.89 3.04
N ILE A 229 30.59 -9.37 1.86
CA ILE A 229 29.80 -10.58 1.71
C ILE A 229 30.70 -11.67 1.15
N VAL A 230 30.77 -12.79 1.85
CA VAL A 230 31.63 -13.92 1.48
C VAL A 230 30.71 -15.08 1.12
N LYS A 231 30.79 -15.52 -0.13
CA LYS A 231 29.94 -16.60 -0.63
C LYS A 231 30.59 -17.95 -0.37
N PRO A 232 29.83 -19.04 -0.48
CA PRO A 232 30.39 -20.37 -0.18
C PRO A 232 31.60 -20.67 -1.04
N GLY A 233 32.56 -21.38 -0.45
CA GLY A 233 33.81 -21.68 -1.12
C GLY A 233 34.79 -20.54 -1.16
N ASP A 234 34.40 -19.35 -0.74
CA ASP A 234 35.28 -18.18 -0.72
C ASP A 234 35.87 -18.01 0.68
N ILE A 235 36.80 -17.06 0.79
CA ILE A 235 37.57 -16.86 2.01
C ILE A 235 37.69 -15.37 2.30
N LEU A 236 37.70 -15.04 3.59
CA LEU A 236 37.89 -13.68 4.05
C LEU A 236 39.34 -13.51 4.50
N LEU A 237 40.03 -12.52 3.95
CA LEU A 237 41.45 -12.27 4.22
C LEU A 237 41.59 -10.85 4.73
N ILE A 238 41.97 -10.71 6.00
CA ILE A 238 42.20 -9.41 6.63
C ILE A 238 43.70 -9.18 6.71
N ASN A 239 44.14 -7.98 6.29
CA ASN A 239 45.56 -7.66 6.11
C ASN A 239 45.76 -6.24 6.61
N SER A 240 46.08 -6.11 7.91
CA SER A 240 46.16 -4.81 8.55
C SER A 240 47.44 -4.69 9.38
N THR A 241 47.80 -3.42 9.67
CA THR A 241 48.92 -3.10 10.52
C THR A 241 48.52 -2.18 11.67
N GLY A 242 47.24 -2.14 11.99
CA GLY A 242 46.72 -1.25 13.02
C GLY A 242 45.45 -0.56 12.60
N ASN A 243 44.77 0.09 13.54
CA ASN A 243 43.55 0.85 13.29
C ASN A 243 42.37 -0.03 12.90
N LEU A 244 42.46 -1.33 13.15
CA LEU A 244 41.41 -2.26 12.74
C LEU A 244 40.38 -2.43 13.85
N ILE A 245 39.12 -2.21 13.51
CA ILE A 245 37.99 -2.58 14.35
C ILE A 245 37.44 -3.87 13.75
N ALA A 246 37.86 -5.01 14.30
CA ALA A 246 37.64 -6.29 13.65
C ALA A 246 36.26 -6.85 13.96
N PRO A 247 35.82 -7.84 13.19
CA PRO A 247 34.54 -8.49 13.49
C PRO A 247 34.71 -9.65 14.47
N ARG A 248 33.67 -9.88 15.25
CA ARG A 248 33.61 -11.03 16.15
C ARG A 248 32.87 -12.20 15.53
N GLY A 249 32.41 -12.06 14.29
CA GLY A 249 31.65 -13.11 13.63
C GLY A 249 31.07 -12.60 12.32
N TYR A 250 29.92 -13.17 11.95
CA TYR A 250 29.26 -12.78 10.72
C TYR A 250 27.74 -12.82 10.92
N PHE A 251 27.04 -12.08 10.06
CA PHE A 251 25.59 -12.07 10.04
C PHE A 251 25.10 -12.95 8.90
N LYS A 252 23.97 -13.62 9.13
CA LYS A 252 23.31 -14.37 8.07
C LYS A 252 22.56 -13.42 7.15
N ILE A 253 22.57 -13.73 5.85
CA ILE A 253 21.85 -12.96 4.85
C ILE A 253 20.71 -13.83 4.32
N ARG A 254 19.49 -13.30 4.40
CA ARG A 254 18.30 -13.99 3.89
C ARG A 254 17.65 -13.13 2.80
N SER A 255 16.79 -13.78 2.03
CA SER A 255 16.04 -13.13 0.97
C SER A 255 14.56 -13.35 1.24
N GLY A 256 13.80 -12.25 1.33
CA GLY A 256 12.38 -12.36 1.62
C GLY A 256 11.63 -11.05 1.53
N LYS A 257 10.59 -10.93 2.34
CA LYS A 257 9.64 -9.82 2.27
C LYS A 257 9.88 -8.76 3.33
N SER A 258 11.07 -8.74 3.93
CA SER A 258 11.32 -7.80 5.02
C SER A 258 11.71 -6.42 4.48
N SER A 259 11.53 -5.41 5.33
CA SER A 259 11.85 -4.04 4.96
C SER A 259 11.89 -3.19 6.22
N ILE A 260 11.89 -1.86 6.03
CA ILE A 260 12.06 -0.90 7.12
C ILE A 260 11.24 0.33 6.78
N MET A 261 10.77 1.02 7.82
CA MET A 261 9.91 2.18 7.64
C MET A 261 10.18 3.19 8.74
N ARG A 262 10.17 4.47 8.39
CA ARG A 262 10.29 5.56 9.34
C ARG A 262 8.89 6.00 9.76
N SER A 263 8.62 5.97 11.06
CA SER A 263 7.30 6.32 11.56
C SER A 263 7.37 6.58 13.06
N ASP A 264 6.45 7.44 13.53
CA ASP A 264 6.30 7.71 14.95
C ASP A 264 4.93 7.27 15.47
N ALA A 265 4.23 6.40 14.73
CA ALA A 265 2.92 5.92 15.15
C ALA A 265 3.09 4.79 16.17
N PRO A 266 2.25 4.76 17.21
CA PRO A 266 2.37 3.68 18.20
C PRO A 266 1.93 2.35 17.65
N ILE A 267 2.50 1.27 18.21
CA ILE A 267 2.11 -0.08 17.86
C ILE A 267 0.95 -0.49 18.75
N GLY A 268 -0.09 -1.09 18.14
CA GLY A 268 -1.25 -1.54 18.87
C GLY A 268 -1.52 -3.02 18.59
N LYS A 269 -2.39 -3.59 19.42
CA LYS A 269 -2.75 -5.00 19.30
C LYS A 269 -4.02 -5.14 18.45
N CYS A 270 -3.85 -4.83 17.16
CA CYS A 270 -4.90 -4.98 16.16
C CYS A 270 -4.36 -5.79 15.00
N ASN A 271 -5.22 -6.00 13.98
CA ASN A 271 -4.90 -6.83 12.84
C ASN A 271 -5.23 -6.08 11.57
N SER A 272 -4.20 -5.70 10.80
CA SER A 272 -4.40 -4.99 9.55
C SER A 272 -3.20 -5.26 8.64
N GLU A 273 -3.50 -5.62 7.38
CA GLU A 273 -2.46 -6.05 6.46
C GLU A 273 -1.65 -4.90 5.87
N CYS A 274 -2.21 -3.69 5.81
CA CYS A 274 -1.53 -2.55 5.20
C CYS A 274 -1.01 -1.63 6.29
N ILE A 275 0.26 -1.23 6.15
CA ILE A 275 0.93 -0.35 7.09
C ILE A 275 1.46 0.86 6.35
N THR A 276 1.17 2.05 6.87
CA THR A 276 1.75 3.29 6.41
C THR A 276 2.44 3.98 7.59
N PRO A 277 3.33 4.94 7.33
CA PRO A 277 3.91 5.70 8.44
C PRO A 277 2.87 6.41 9.29
N ASN A 278 1.68 6.68 8.75
CA ASN A 278 0.60 7.27 9.53
C ASN A 278 -0.12 6.24 10.40
N GLY A 279 0.14 4.96 10.19
CA GLY A 279 -0.60 3.88 10.83
C GLY A 279 -1.21 2.94 9.80
N SER A 280 -1.82 1.88 10.31
CA SER A 280 -2.49 0.92 9.44
C SER A 280 -3.77 1.51 8.89
N ILE A 281 -4.10 1.16 7.65
CA ILE A 281 -5.31 1.61 6.99
C ILE A 281 -6.06 0.40 6.43
N PRO A 282 -7.38 0.45 6.33
CA PRO A 282 -8.09 -0.62 5.61
C PRO A 282 -7.63 -0.70 4.16
N ASN A 283 -7.73 -1.89 3.59
CA ASN A 283 -7.34 -2.11 2.21
C ASN A 283 -8.49 -2.67 1.38
N ASP A 284 -9.73 -2.37 1.78
CA ASP A 284 -10.86 -2.75 0.95
C ASP A 284 -10.93 -1.93 -0.33
N LYS A 285 -10.53 -0.66 -0.27
CA LYS A 285 -10.59 0.22 -1.43
C LYS A 285 -9.36 0.04 -2.31
N PRO A 286 -9.48 0.32 -3.61
CA PRO A 286 -8.33 0.10 -4.52
C PRO A 286 -7.29 1.22 -4.48
N PHE A 287 -7.62 2.41 -3.98
CA PHE A 287 -6.70 3.53 -3.94
C PHE A 287 -6.68 4.13 -2.54
N GLN A 288 -5.62 4.87 -2.25
CA GLN A 288 -5.47 5.53 -0.97
C GLN A 288 -4.70 6.83 -1.16
N ASN A 289 -5.02 7.82 -0.32
CA ASN A 289 -4.42 9.14 -0.36
C ASN A 289 -3.65 9.43 0.93
N VAL A 290 -3.32 8.40 1.70
CA VAL A 290 -2.77 8.60 3.02
C VAL A 290 -1.27 8.87 2.96
N ASN A 291 -0.52 7.99 2.29
CA ASN A 291 0.93 8.14 2.23
C ASN A 291 1.47 7.30 1.08
N ARG A 292 2.44 7.86 0.36
CA ARG A 292 3.09 7.11 -0.72
C ARG A 292 3.93 5.96 -0.19
N ILE A 293 4.34 5.99 1.08
CA ILE A 293 5.14 4.92 1.67
C ILE A 293 4.19 3.90 2.27
N THR A 294 4.33 2.64 1.86
CA THR A 294 3.43 1.58 2.30
C THR A 294 4.19 0.28 2.45
N TYR A 295 3.63 -0.63 3.24
CA TYR A 295 4.14 -1.98 3.38
C TYR A 295 2.97 -2.94 3.54
N GLY A 296 3.02 -4.04 2.79
CA GLY A 296 1.96 -5.04 2.83
C GLY A 296 0.99 -4.88 1.69
N ALA A 297 -0.12 -5.60 1.82
CA ALA A 297 -1.19 -5.56 0.83
C ALA A 297 -1.93 -4.23 0.99
N CYS A 298 -1.56 -3.25 0.17
CA CYS A 298 -2.07 -1.89 0.34
C CYS A 298 -2.76 -1.40 -0.92
N PRO A 299 -3.70 -0.46 -0.80
CA PRO A 299 -4.20 0.24 -1.97
C PRO A 299 -3.09 1.10 -2.58
N ARG A 300 -3.23 1.37 -3.87
CA ARG A 300 -2.23 2.17 -4.58
C ARG A 300 -2.43 3.65 -4.31
N TYR A 301 -1.31 4.35 -4.09
CA TYR A 301 -1.39 5.76 -3.75
C TYR A 301 -1.75 6.59 -4.97
N VAL A 302 -2.63 7.59 -4.74
CA VAL A 302 -3.05 8.51 -5.78
C VAL A 302 -3.16 9.90 -5.17
N LYS A 303 -3.14 10.92 -6.02
CA LYS A 303 -3.16 12.30 -5.55
C LYS A 303 -4.56 12.77 -5.19
N GLN A 304 -5.60 12.20 -5.80
CA GLN A 304 -6.95 12.58 -5.47
C GLN A 304 -7.29 12.15 -4.04
N ASN A 305 -8.06 12.98 -3.34
CA ASN A 305 -8.54 12.62 -2.02
C ASN A 305 -9.92 11.95 -2.05
N THR A 306 -10.61 11.97 -3.19
CA THR A 306 -11.90 11.32 -3.30
C THR A 306 -12.17 10.92 -4.75
N LEU A 307 -12.80 9.76 -4.92
CA LEU A 307 -13.24 9.30 -6.23
C LEU A 307 -14.48 8.43 -6.02
N LYS A 308 -15.65 8.96 -6.40
CA LYS A 308 -16.91 8.28 -6.17
C LYS A 308 -17.25 7.38 -7.36
N LEU A 309 -17.48 6.10 -7.09
CA LEU A 309 -17.92 5.14 -8.10
C LEU A 309 -19.44 5.00 -7.99
N ALA A 310 -20.14 5.31 -9.08
CA ALA A 310 -21.60 5.20 -9.06
C ALA A 310 -22.01 3.74 -8.90
N THR A 311 -22.90 3.49 -7.94
CA THR A 311 -23.47 2.17 -7.73
C THR A 311 -24.99 2.18 -7.90
N GLY A 312 -25.50 3.17 -8.64
CA GLY A 312 -26.93 3.27 -8.90
C GLY A 312 -27.17 4.12 -10.12
N MET A 313 -28.44 4.19 -10.51
CA MET A 313 -28.82 4.93 -11.70
C MET A 313 -28.80 6.44 -11.41
N ARG A 314 -28.94 7.21 -12.47
CA ARG A 314 -29.08 8.66 -12.32
C ARG A 314 -30.31 8.98 -11.49
N ASN A 315 -30.19 10.00 -10.63
CA ASN A 315 -31.25 10.38 -9.71
C ASN A 315 -32.03 11.56 -10.31
N VAL A 316 -33.34 11.38 -10.45
CA VAL A 316 -34.20 12.37 -11.07
C VAL A 316 -35.40 12.65 -10.18
N PRO A 317 -35.33 13.66 -9.30
CA PRO A 317 -36.46 13.93 -8.40
C PRO A 317 -37.68 14.45 -9.14
N GLU A 318 -38.81 14.40 -8.45
CA GLU A 318 -40.10 14.79 -9.02
C GLU A 318 -40.32 16.30 -8.88
N GLY B 1 -28.86 9.59 -20.39
CA GLY B 1 -28.69 8.18 -20.90
C GLY B 1 -28.76 8.10 -22.41
N ILE B 2 -28.05 7.12 -22.98
CA ILE B 2 -27.99 7.00 -24.44
C ILE B 2 -29.26 6.42 -25.05
N PHE B 3 -30.18 5.90 -24.24
CA PHE B 3 -31.45 5.41 -24.73
C PHE B 3 -32.59 6.40 -24.54
N GLY B 4 -32.36 7.48 -23.81
CA GLY B 4 -33.37 8.53 -23.70
C GLY B 4 -34.55 8.19 -22.84
N ALA B 5 -34.46 7.16 -22.00
CA ALA B 5 -35.55 6.80 -21.10
C ALA B 5 -35.40 7.54 -19.77
N ILE B 6 -34.35 7.22 -19.01
CA ILE B 6 -34.11 7.90 -17.74
C ILE B 6 -33.62 9.31 -18.02
N ALA B 7 -34.20 10.29 -17.33
CA ALA B 7 -33.95 11.70 -17.63
C ALA B 7 -34.25 12.02 -19.09
N GLY B 8 -35.15 11.24 -19.67
CA GLY B 8 -35.57 11.43 -21.05
C GLY B 8 -37.08 11.40 -21.15
N PHE B 9 -37.64 10.45 -21.91
CA PHE B 9 -39.10 10.40 -22.02
C PHE B 9 -39.75 9.90 -20.74
N ILE B 10 -38.99 9.34 -19.80
CA ILE B 10 -39.45 9.18 -18.42
C ILE B 10 -39.11 10.48 -17.70
N GLU B 11 -40.14 11.23 -17.30
CA GLU B 11 -39.90 12.60 -16.83
C GLU B 11 -39.13 12.63 -15.52
N ASN B 12 -39.42 11.71 -14.60
CA ASN B 12 -38.70 11.68 -13.34
C ASN B 12 -38.91 10.32 -12.69
N GLY B 13 -38.10 10.06 -11.66
CA GLY B 13 -38.21 8.82 -10.92
C GLY B 13 -39.27 8.87 -9.84
N TRP B 14 -39.47 7.72 -9.20
CA TRP B 14 -40.48 7.54 -8.17
C TRP B 14 -39.78 7.33 -6.83
N GLU B 15 -39.88 8.31 -5.94
CA GLU B 15 -39.33 8.13 -4.61
C GLU B 15 -40.18 7.18 -3.77
N GLY B 16 -41.48 7.05 -4.08
CA GLY B 16 -42.33 6.11 -3.38
C GLY B 16 -42.06 4.66 -3.69
N MET B 17 -41.20 4.36 -4.66
CA MET B 17 -40.85 3.00 -5.01
C MET B 17 -39.58 2.61 -4.24
N VAL B 18 -39.76 1.77 -3.23
CA VAL B 18 -38.65 1.36 -2.36
C VAL B 18 -38.35 -0.13 -2.44
N ASP B 19 -39.14 -0.90 -3.16
CA ASP B 19 -38.95 -2.35 -3.25
C ASP B 19 -38.28 -2.78 -4.55
N GLY B 20 -37.75 -1.83 -5.32
CA GLY B 20 -37.09 -2.17 -6.56
C GLY B 20 -36.61 -0.92 -7.26
N TRP B 21 -35.81 -1.13 -8.30
CA TRP B 21 -35.27 -0.02 -9.08
C TRP B 21 -36.16 0.36 -10.26
N TYR B 22 -36.91 -0.60 -10.80
CA TYR B 22 -37.84 -0.37 -11.90
C TYR B 22 -39.17 -1.01 -11.53
N GLY B 23 -40.25 -0.52 -12.13
CA GLY B 23 -41.54 -1.09 -11.83
C GLY B 23 -42.64 -0.49 -12.67
N PHE B 24 -43.87 -0.77 -12.22
CA PHE B 24 -45.08 -0.39 -12.93
C PHE B 24 -45.99 0.41 -12.00
N ARG B 25 -46.59 1.46 -12.54
CA ARG B 25 -47.75 2.12 -11.93
C ARG B 25 -48.92 2.00 -12.89
N HIS B 26 -50.12 1.80 -12.35
CA HIS B 26 -51.30 1.56 -13.17
C HIS B 26 -52.49 2.29 -12.60
N GLN B 27 -53.49 2.50 -13.46
CA GLN B 27 -54.79 3.01 -13.05
C GLN B 27 -55.86 2.23 -13.80
N ASN B 28 -56.86 1.73 -13.06
CA ASN B 28 -57.96 1.01 -13.65
C ASN B 28 -59.22 1.29 -12.83
N SER B 29 -60.28 0.55 -13.12
CA SER B 29 -61.54 0.74 -12.40
C SER B 29 -61.41 0.39 -10.92
N GLU B 30 -60.38 -0.36 -10.53
CA GLU B 30 -60.21 -0.77 -9.15
C GLU B 30 -59.29 0.13 -8.34
N GLY B 31 -58.64 1.12 -8.98
CA GLY B 31 -57.83 2.08 -8.26
C GLY B 31 -56.49 2.29 -8.95
N ILE B 32 -55.51 2.71 -8.16
CA ILE B 32 -54.19 3.09 -8.63
C ILE B 32 -53.16 2.38 -7.76
N GLY B 33 -52.26 1.62 -8.40
CA GLY B 33 -51.32 0.80 -7.66
C GLY B 33 -49.92 0.89 -8.23
N GLN B 34 -48.97 0.34 -7.46
CA GLN B 34 -47.55 0.35 -7.80
C GLN B 34 -46.95 -0.99 -7.44
N ALA B 35 -46.09 -1.51 -8.33
CA ALA B 35 -45.40 -2.76 -8.08
C ALA B 35 -44.06 -2.74 -8.81
N ALA B 36 -43.06 -3.39 -8.21
CA ALA B 36 -41.71 -3.40 -8.75
C ALA B 36 -41.50 -4.61 -9.65
N ASP B 37 -40.66 -4.43 -10.67
CA ASP B 37 -40.26 -5.51 -11.57
C ASP B 37 -38.94 -6.08 -11.06
N LEU B 38 -38.93 -7.38 -10.78
CA LEU B 38 -37.77 -8.01 -10.16
C LEU B 38 -36.66 -8.29 -11.16
N LYS B 39 -37.01 -8.72 -12.37
CA LYS B 39 -35.99 -9.14 -13.33
C LYS B 39 -35.12 -7.97 -13.75
N SER B 40 -35.73 -6.85 -14.14
CA SER B 40 -34.94 -5.69 -14.57
C SER B 40 -34.12 -5.13 -13.41
N THR B 41 -34.73 -5.05 -12.22
CA THR B 41 -33.99 -4.60 -11.05
C THR B 41 -32.78 -5.47 -10.80
N GLN B 42 -32.94 -6.78 -10.90
CA GLN B 42 -31.83 -7.69 -10.60
C GLN B 42 -30.79 -7.66 -11.70
N ALA B 43 -31.19 -7.38 -12.95
CA ALA B 43 -30.21 -7.29 -14.03
C ALA B 43 -29.25 -6.13 -13.81
N ALA B 44 -29.78 -4.96 -13.43
CA ALA B 44 -28.91 -3.82 -13.18
C ALA B 44 -28.02 -4.05 -11.96
N ILE B 45 -28.59 -4.60 -10.88
CA ILE B 45 -27.82 -4.82 -9.67
C ILE B 45 -26.66 -5.78 -9.91
N ASN B 46 -26.93 -6.87 -10.65
CA ASN B 46 -25.88 -7.86 -10.89
C ASN B 46 -24.74 -7.28 -11.72
N GLN B 47 -25.06 -6.43 -12.69
CA GLN B 47 -24.00 -5.81 -13.49
C GLN B 47 -23.14 -4.87 -12.64
N ILE B 48 -23.77 -4.12 -11.73
CA ILE B 48 -23.03 -3.21 -10.89
C ILE B 48 -22.19 -3.97 -9.87
N ASN B 49 -22.74 -5.05 -9.30
CA ASN B 49 -21.95 -5.89 -8.42
C ASN B 49 -20.76 -6.49 -9.16
N GLY B 50 -20.95 -6.81 -10.44
CA GLY B 50 -19.84 -7.30 -11.23
C GLY B 50 -18.71 -6.29 -11.33
N LYS B 51 -19.06 -5.01 -11.51
CA LYS B 51 -18.05 -3.96 -11.50
C LYS B 51 -17.32 -3.92 -10.17
N LEU B 52 -18.07 -3.99 -9.07
CA LEU B 52 -17.47 -3.85 -7.74
C LEU B 52 -16.51 -5.00 -7.45
N ASN B 53 -16.88 -6.23 -7.84
CA ASN B 53 -16.01 -7.37 -7.58
C ASN B 53 -14.64 -7.17 -8.20
N ARG B 54 -14.60 -6.65 -9.43
CA ARG B 54 -13.32 -6.42 -10.09
C ARG B 54 -12.50 -5.36 -9.35
N LEU B 55 -13.16 -4.35 -8.80
CA LEU B 55 -12.47 -3.21 -8.22
C LEU B 55 -12.22 -3.34 -6.72
N ILE B 56 -13.11 -4.02 -6.01
CA ILE B 56 -13.04 -4.10 -4.55
C ILE B 56 -12.33 -5.40 -4.18
N GLY B 57 -11.57 -5.33 -3.07
CA GLY B 57 -10.97 -6.51 -2.47
C GLY B 57 -9.71 -7.00 -3.12
N LYS B 58 -9.29 -6.45 -4.26
CA LYS B 58 -8.12 -6.90 -4.99
C LYS B 58 -7.03 -5.84 -4.87
N THR B 59 -6.02 -6.11 -4.05
CA THR B 59 -4.90 -5.21 -3.85
C THR B 59 -3.59 -5.97 -4.05
N ASN B 60 -2.49 -5.23 -4.02
CA ASN B 60 -1.18 -5.72 -4.43
C ASN B 60 -0.21 -5.68 -3.26
N GLU B 61 0.53 -6.77 -3.07
CA GLU B 61 1.51 -6.88 -2.00
C GLU B 61 2.84 -6.31 -2.46
N LYS B 62 3.31 -5.27 -1.78
CA LYS B 62 4.65 -4.72 -1.97
C LYS B 62 5.33 -4.66 -0.62
N PHE B 63 6.62 -5.01 -0.60
CA PHE B 63 7.35 -5.07 0.66
C PHE B 63 8.50 -4.08 0.66
N HIS B 64 9.71 -4.52 0.28
CA HIS B 64 10.84 -3.61 0.26
C HIS B 64 10.88 -2.85 -1.05
N GLN B 65 10.94 -1.52 -0.95
CA GLN B 65 10.88 -0.65 -2.11
C GLN B 65 12.02 0.36 -2.04
N ILE B 66 11.81 1.58 -2.53
CA ILE B 66 12.82 2.62 -2.46
C ILE B 66 12.41 3.63 -1.39
N GLU B 67 13.35 4.48 -0.99
CA GLU B 67 13.06 5.57 -0.07
C GLU B 67 12.33 6.68 -0.81
N LYS B 68 11.41 7.33 -0.11
CA LYS B 68 10.55 8.35 -0.71
C LYS B 68 10.53 9.65 0.07
N GLU B 69 11.24 9.73 1.19
CA GLU B 69 11.45 10.97 1.93
C GLU B 69 12.92 11.06 2.29
N PHE B 70 13.48 12.26 2.20
CA PHE B 70 14.92 12.45 2.36
C PHE B 70 15.19 13.61 3.30
N SER B 71 16.17 13.43 4.18
CA SER B 71 16.54 14.44 5.16
C SER B 71 17.83 15.17 4.80
N GLU B 72 18.53 14.75 3.74
CA GLU B 72 19.78 15.37 3.32
C GLU B 72 19.77 15.60 1.82
N VAL B 73 20.54 16.60 1.39
CA VAL B 73 20.72 16.89 -0.03
C VAL B 73 21.78 15.96 -0.59
N GLU B 74 21.44 15.22 -1.64
CA GLU B 74 22.35 14.26 -2.26
C GLU B 74 22.58 14.49 -3.74
N GLY B 75 21.62 15.10 -4.45
CA GLY B 75 21.82 15.44 -5.84
C GLY B 75 21.28 14.44 -6.83
N ARG B 76 22.15 13.91 -7.69
CA ARG B 76 21.73 13.17 -8.86
C ARG B 76 20.88 11.96 -8.49
N ILE B 77 21.40 11.08 -7.64
CA ILE B 77 20.70 9.83 -7.32
C ILE B 77 19.34 10.14 -6.69
N GLN B 78 19.30 11.11 -5.78
CA GLN B 78 18.03 11.45 -5.14
C GLN B 78 17.04 12.00 -6.16
N ASP B 79 17.51 12.80 -7.12
CA ASP B 79 16.62 13.33 -8.15
C ASP B 79 15.92 12.20 -8.90
N LEU B 80 16.65 11.13 -9.18
CA LEU B 80 16.06 10.02 -9.94
C LEU B 80 15.01 9.28 -9.10
N GLU B 81 15.29 9.09 -7.80
CA GLU B 81 14.33 8.41 -6.95
C GLU B 81 13.04 9.20 -6.81
N LYS B 82 13.15 10.51 -6.61
CA LYS B 82 11.95 11.36 -6.56
C LYS B 82 11.21 11.32 -7.89
N TYR B 83 11.94 11.38 -9.00
CA TYR B 83 11.31 11.39 -10.31
C TYR B 83 10.58 10.08 -10.57
N VAL B 84 11.20 8.95 -10.26
CA VAL B 84 10.57 7.66 -10.47
C VAL B 84 9.24 7.58 -9.71
N GLU B 85 9.26 7.97 -8.44
CA GLU B 85 8.04 7.90 -7.64
C GLU B 85 6.99 8.89 -8.12
N ASP B 86 7.42 10.11 -8.47
CA ASP B 86 6.47 11.09 -9.00
C ASP B 86 5.86 10.62 -10.30
N THR B 87 6.68 10.04 -11.19
CA THR B 87 6.17 9.47 -12.43
C THR B 87 5.13 8.40 -12.15
N LYS B 88 5.46 7.47 -11.23
CA LYS B 88 4.54 6.41 -10.87
C LYS B 88 3.20 6.96 -10.38
N ILE B 89 3.26 7.90 -9.44
CA ILE B 89 2.04 8.39 -8.80
C ILE B 89 1.14 9.07 -9.83
N ASP B 90 1.72 9.82 -10.76
CA ASP B 90 0.91 10.52 -11.76
C ASP B 90 0.20 9.53 -12.68
N LEU B 91 0.89 8.46 -13.08
CA LEU B 91 0.27 7.50 -13.98
C LEU B 91 -0.86 6.76 -13.29
N TRP B 92 -0.67 6.34 -12.03
CA TRP B 92 -1.75 5.69 -11.30
C TRP B 92 -2.90 6.65 -11.01
N SER B 93 -2.58 7.91 -10.69
CA SER B 93 -3.64 8.89 -10.51
C SER B 93 -4.45 9.07 -11.78
N TYR B 94 -3.79 9.04 -12.93
CA TYR B 94 -4.51 9.13 -14.20
C TYR B 94 -5.40 7.90 -14.40
N ASN B 95 -4.86 6.71 -14.14
CA ASN B 95 -5.66 5.49 -14.27
C ASN B 95 -6.91 5.57 -13.40
N ALA B 96 -6.75 6.03 -12.16
CA ALA B 96 -7.90 6.09 -11.25
C ALA B 96 -8.95 7.08 -11.75
N GLU B 97 -8.52 8.23 -12.26
CA GLU B 97 -9.46 9.23 -12.77
C GLU B 97 -10.21 8.71 -13.98
N LEU B 98 -9.49 8.09 -14.92
CA LEU B 98 -10.15 7.58 -16.13
C LEU B 98 -11.06 6.40 -15.80
N LEU B 99 -10.62 5.52 -14.91
CA LEU B 99 -11.43 4.35 -14.57
C LEU B 99 -12.79 4.77 -14.03
N VAL B 100 -12.81 5.68 -13.06
CA VAL B 100 -14.08 6.08 -12.45
C VAL B 100 -14.97 6.78 -13.47
N ALA B 101 -14.39 7.63 -14.32
CA ALA B 101 -15.18 8.32 -15.33
C ALA B 101 -15.80 7.34 -16.30
N LEU B 102 -15.02 6.37 -16.78
CA LEU B 102 -15.55 5.37 -17.71
C LEU B 102 -16.59 4.49 -17.03
N GLU B 103 -16.29 4.00 -15.83
CA GLU B 103 -17.22 3.14 -15.12
C GLU B 103 -18.54 3.86 -14.87
N ASN B 104 -18.48 5.13 -14.45
CA ASN B 104 -19.71 5.85 -14.13
C ASN B 104 -20.54 6.11 -15.38
N GLN B 105 -19.88 6.46 -16.49
CA GLN B 105 -20.60 6.63 -17.74
C GLN B 105 -21.30 5.34 -18.14
N HIS B 106 -20.60 4.21 -18.00
CA HIS B 106 -21.18 2.93 -18.35
C HIS B 106 -22.31 2.55 -17.40
N THR B 107 -22.16 2.85 -16.11
CA THR B 107 -23.21 2.51 -15.15
C THR B 107 -24.49 3.30 -15.44
N ILE B 108 -24.36 4.58 -15.79
CA ILE B 108 -25.53 5.37 -16.12
C ILE B 108 -26.17 4.85 -17.41
N ASP B 109 -25.36 4.43 -18.37
CA ASP B 109 -25.90 3.91 -19.62
C ASP B 109 -26.60 2.57 -19.43
N LEU B 110 -26.04 1.69 -18.59
CA LEU B 110 -26.63 0.36 -18.45
C LEU B 110 -27.91 0.38 -17.64
N THR B 111 -28.04 1.28 -16.66
CA THR B 111 -29.31 1.40 -15.94
C THR B 111 -30.38 2.04 -16.82
N ASP B 112 -29.98 2.95 -17.72
CA ASP B 112 -30.91 3.46 -18.70
C ASP B 112 -31.34 2.37 -19.68
N SER B 113 -30.42 1.46 -20.00
CA SER B 113 -30.73 0.36 -20.91
C SER B 113 -31.75 -0.59 -20.30
N GLU B 114 -31.60 -0.92 -19.01
CA GLU B 114 -32.56 -1.83 -18.39
C GLU B 114 -33.96 -1.23 -18.36
N MET B 115 -34.05 0.08 -18.14
CA MET B 115 -35.34 0.75 -18.23
C MET B 115 -35.95 0.58 -19.62
N ASN B 116 -35.12 0.74 -20.65
CA ASN B 116 -35.63 0.62 -22.03
C ASN B 116 -36.01 -0.81 -22.37
N LYS B 117 -35.26 -1.80 -21.87
CA LYS B 117 -35.61 -3.19 -22.12
C LYS B 117 -36.97 -3.53 -21.55
N LEU B 118 -37.25 -3.09 -20.31
CA LEU B 118 -38.56 -3.34 -19.71
C LEU B 118 -39.65 -2.67 -20.51
N PHE B 119 -39.42 -1.43 -20.95
CA PHE B 119 -40.38 -0.73 -21.79
C PHE B 119 -40.65 -1.50 -23.07
N GLU B 120 -39.59 -1.97 -23.74
CA GLU B 120 -39.76 -2.75 -24.95
C GLU B 120 -40.47 -4.07 -24.66
N ARG B 121 -40.04 -4.77 -23.60
CA ARG B 121 -40.72 -5.99 -23.20
CA ARG B 121 -40.73 -5.99 -23.19
C ARG B 121 -42.22 -5.77 -23.10
N THR B 122 -42.64 -4.74 -22.36
CA THR B 122 -44.05 -4.49 -22.13
C THR B 122 -44.77 -4.10 -23.41
N LYS B 123 -44.13 -3.29 -24.26
CA LYS B 123 -44.76 -2.88 -25.50
C LYS B 123 -45.13 -4.09 -26.36
N LYS B 124 -44.22 -5.06 -26.46
CA LYS B 124 -44.47 -6.22 -27.31
C LYS B 124 -45.57 -7.10 -26.72
N GLN B 125 -45.63 -7.20 -25.39
CA GLN B 125 -46.69 -7.97 -24.75
C GLN B 125 -48.07 -7.49 -25.20
N LEU B 126 -48.27 -6.17 -25.23
CA LEU B 126 -49.59 -5.60 -25.44
C LEU B 126 -50.03 -5.66 -26.90
N ARG B 127 -49.09 -5.89 -27.83
CA ARG B 127 -49.43 -6.02 -29.25
C ARG B 127 -50.29 -4.84 -29.71
N GLU B 128 -51.51 -5.10 -30.15
CA GLU B 128 -52.38 -4.07 -30.69
C GLU B 128 -53.41 -3.58 -29.69
N ASN B 129 -53.28 -3.96 -28.41
CA ASN B 129 -54.26 -3.61 -27.40
C ASN B 129 -53.91 -2.33 -26.66
N ALA B 130 -52.79 -1.69 -26.98
CA ALA B 130 -52.36 -0.51 -26.25
C ALA B 130 -51.55 0.39 -27.18
N GLU B 131 -51.42 1.65 -26.79
CA GLU B 131 -50.67 2.65 -27.54
C GLU B 131 -49.74 3.39 -26.58
N ASP B 132 -48.55 3.72 -27.09
CA ASP B 132 -47.55 4.42 -26.30
C ASP B 132 -47.87 5.91 -26.27
N MET B 133 -48.07 6.45 -25.07
CA MET B 133 -48.41 7.86 -24.94
C MET B 133 -47.22 8.79 -25.05
N GLY B 134 -46.00 8.25 -24.99
CA GLY B 134 -44.79 9.03 -25.23
C GLY B 134 -44.00 9.35 -23.99
N ASN B 135 -44.55 9.14 -22.80
CA ASN B 135 -43.89 9.44 -21.53
C ASN B 135 -43.72 8.19 -20.68
N GLY B 136 -43.53 7.05 -21.32
CA GLY B 136 -43.39 5.80 -20.61
C GLY B 136 -44.68 5.18 -20.14
N CYS B 137 -45.83 5.73 -20.52
CA CYS B 137 -47.13 5.22 -20.13
C CYS B 137 -47.86 4.68 -21.35
N PHE B 138 -48.60 3.60 -21.14
CA PHE B 138 -49.40 2.97 -22.17
C PHE B 138 -50.87 3.20 -21.87
N LYS B 139 -51.64 3.61 -22.89
CA LYS B 139 -53.10 3.60 -22.80
C LYS B 139 -53.56 2.23 -23.28
N ILE B 140 -54.18 1.46 -22.38
CA ILE B 140 -54.70 0.14 -22.70
C ILE B 140 -56.18 0.29 -23.03
N TYR B 141 -56.57 -0.18 -24.21
CA TYR B 141 -57.91 0.08 -24.76
C TYR B 141 -58.90 -1.04 -24.41
N HIS B 142 -58.86 -1.55 -23.19
CA HIS B 142 -59.86 -2.52 -22.75
C HIS B 142 -59.89 -2.51 -21.23
N LYS B 143 -60.98 -3.05 -20.67
CA LYS B 143 -61.10 -3.18 -19.23
C LYS B 143 -59.95 -4.03 -18.71
N CYS B 144 -59.27 -3.52 -17.68
CA CYS B 144 -58.05 -4.13 -17.15
C CYS B 144 -58.15 -4.20 -15.63
N ASP B 145 -58.71 -5.28 -15.11
CA ASP B 145 -58.80 -5.44 -13.67
C ASP B 145 -57.43 -5.78 -13.08
N ASN B 146 -57.37 -5.84 -11.75
CA ASN B 146 -56.09 -6.02 -11.07
C ASN B 146 -55.41 -7.32 -11.50
N ALA B 147 -56.19 -8.38 -11.67
CA ALA B 147 -55.60 -9.65 -12.11
C ALA B 147 -55.05 -9.53 -13.52
N CYS B 148 -55.67 -8.71 -14.37
CA CYS B 148 -55.15 -8.52 -15.73
C CYS B 148 -53.86 -7.72 -15.71
N ILE B 149 -53.78 -6.70 -14.84
CA ILE B 149 -52.53 -5.97 -14.68
C ILE B 149 -51.44 -6.91 -14.18
N GLY B 150 -51.78 -7.77 -13.22
CA GLY B 150 -50.80 -8.73 -12.72
C GLY B 150 -50.25 -9.62 -13.82
N SER B 151 -51.12 -10.05 -14.75
CA SER B 151 -50.67 -10.92 -15.84
C SER B 151 -49.65 -10.23 -16.73
N ILE B 152 -49.77 -8.91 -16.91
CA ILE B 152 -48.79 -8.17 -17.69
C ILE B 152 -47.46 -8.08 -16.94
N ARG B 153 -47.52 -8.03 -15.61
CA ARG B 153 -46.32 -7.77 -14.83
C ARG B 153 -45.39 -8.98 -14.77
N ASN B 154 -45.94 -10.19 -14.84
CA ASN B 154 -45.13 -11.41 -14.84
C ASN B 154 -45.28 -12.18 -16.15
N GLY B 155 -45.59 -11.49 -17.23
CA GLY B 155 -45.47 -12.03 -18.57
C GLY B 155 -46.41 -13.16 -18.94
N THR B 156 -47.64 -13.13 -18.46
CA THR B 156 -48.65 -14.13 -18.83
C THR B 156 -49.90 -13.50 -19.43
N TYR B 157 -49.84 -12.22 -19.82
CA TYR B 157 -50.99 -11.54 -20.40
C TYR B 157 -51.26 -12.07 -21.80
N ASP B 158 -52.48 -12.55 -22.03
CA ASP B 158 -52.88 -13.12 -23.31
C ASP B 158 -53.63 -12.04 -24.10
N HIS B 159 -52.98 -11.51 -25.13
CA HIS B 159 -53.54 -10.36 -25.85
C HIS B 159 -54.76 -10.75 -26.68
N ASP B 160 -54.84 -12.00 -27.13
CA ASP B 160 -55.96 -12.42 -27.98
C ASP B 160 -57.29 -12.31 -27.24
N VAL B 161 -57.28 -12.42 -25.91
CA VAL B 161 -58.52 -12.39 -25.15
C VAL B 161 -59.22 -11.04 -25.30
N TYR B 162 -58.43 -9.96 -25.34
CA TYR B 162 -58.98 -8.60 -25.36
C TYR B 162 -58.82 -7.92 -26.71
N ARG B 163 -58.27 -8.61 -27.71
CA ARG B 163 -57.96 -7.96 -28.98
C ARG B 163 -59.20 -7.34 -29.62
N ASP B 164 -60.29 -8.12 -29.69
CA ASP B 164 -61.52 -7.62 -30.32
C ASP B 164 -62.02 -6.37 -29.59
N GLU B 165 -62.08 -6.43 -28.25
CA GLU B 165 -62.49 -5.26 -27.47
C GLU B 165 -61.55 -4.08 -27.71
N ALA B 166 -60.25 -4.35 -27.81
CA ALA B 166 -59.28 -3.25 -27.91
C ALA B 166 -59.30 -2.60 -29.28
N LEU B 167 -59.34 -3.40 -30.35
CA LEU B 167 -59.36 -2.82 -31.69
C LEU B 167 -60.60 -1.97 -31.91
N ASN B 168 -61.73 -2.38 -31.33
CA ASN B 168 -62.95 -1.58 -31.47
C ASN B 168 -62.80 -0.22 -30.81
N ASN B 169 -62.17 -0.17 -29.63
CA ASN B 169 -62.00 1.10 -28.93
C ASN B 169 -60.93 1.97 -29.57
N ARG B 170 -59.91 1.36 -30.19
CA ARG B 170 -58.86 2.14 -30.82
C ARG B 170 -59.34 2.78 -32.12
N PHE B 171 -60.14 2.05 -32.89
CA PHE B 171 -60.52 2.49 -34.23
C PHE B 171 -62.00 2.85 -34.28
N GLN B 172 -62.45 3.61 -33.28
CA GLN B 172 -63.81 4.15 -33.25
C GLN B 172 -63.76 5.62 -33.63
N ILE B 173 -64.76 6.06 -34.39
CA ILE B 173 -64.79 7.44 -34.86
C ILE B 173 -65.50 8.33 -33.85
C1 NAG C . -24.52 1.82 -2.13
C2 NAG C . -25.29 1.22 -0.97
C3 NAG C . -24.37 0.39 -0.08
C4 NAG C . -23.49 -0.56 -0.88
C5 NAG C . -22.90 0.08 -2.12
C6 NAG C . -22.25 -0.93 -3.06
C7 NAG C . -27.25 2.44 -0.12
C8 NAG C . -27.72 3.54 0.79
N2 NAG C . -25.93 2.25 -0.16
O3 NAG C . -25.14 -0.31 0.89
O4 NAG C . -22.39 -0.79 -0.02
O5 NAG C . -23.89 0.78 -2.87
O6 NAG C . -23.18 -1.89 -3.56
O7 NAG C . -28.03 1.79 -0.81
H2 NAG C . -25.97 0.62 -1.34
H3 NAG C . -23.77 1.00 0.38
H4 NAG C . -24.01 -1.34 -1.15
H5 NAG C . -22.21 0.71 -1.84
H61 NAG C . -21.55 -1.41 -2.58
H62 NAG C . -21.87 -0.45 -3.82
H81 NAG C . -28.70 3.56 0.79
H82 NAG C . -27.37 4.39 0.49
H83 NAG C . -27.40 3.36 1.70
HN2 NAG C . -25.40 2.78 0.33
HO3 NAG C . -25.08 -1.19 0.77
HO6 NAG C . -23.97 -1.52 -3.74
C1 NAG C . -22.67 -2.04 0.65
C2 NAG C . -21.35 -2.51 1.18
C3 NAG C . -21.53 -3.98 1.60
C4 NAG C . -22.69 -4.07 2.60
C5 NAG C . -23.94 -3.28 2.13
C6 NAG C . -25.03 -3.18 3.18
C7 NAG C . -19.56 -1.23 0.11
C8 NAG C . -18.51 -1.21 -0.97
N2 NAG C . -20.28 -2.36 0.20
O3 NAG C . -20.34 -4.51 2.17
O4 NAG C . -23.09 -5.43 2.71
O5 NAG C . -23.61 -1.94 1.74
O6 NAG C . -26.30 -3.29 2.55
O7 NAG C . -19.76 -0.26 0.85
H2 NAG C . -21.09 -1.99 1.96
H3 NAG C . -21.71 -4.50 0.81
H4 NAG C . -22.38 -3.69 3.44
H5 NAG C . -24.28 -3.76 1.36
H61 NAG C . -24.97 -2.32 3.64
H62 NAG C . -24.94 -3.90 3.83
H81 NAG C . -18.01 -0.38 -0.91
H82 NAG C . -18.95 -1.27 -1.84
H83 NAG C . -17.92 -1.97 -0.84
HN2 NAG C . -20.10 -3.05 -0.36
HO3 NAG C . -20.52 -5.35 2.38
HO4 NAG C . -23.01 -5.68 3.55
HO6 NAG C . -26.92 -3.52 3.14
C1 NAG D . 48.30 -14.83 4.59
C2 NAG D . 49.53 -14.96 3.70
C3 NAG D . 49.19 -15.83 2.50
C4 NAG D . 48.51 -17.13 2.89
C5 NAG D . 47.40 -16.92 3.90
C6 NAG D . 46.90 -18.21 4.53
C7 NAG D . 51.27 -13.28 3.29
C8 NAG D . 51.57 -11.93 2.73
N2 NAG D . 49.99 -13.67 3.24
O3 NAG D . 50.36 -16.09 1.73
O4 NAG D . 47.98 -17.56 1.64
O5 NAG D . 47.85 -16.11 4.98
O6 NAG D . 46.62 -18.02 5.92
O7 NAG D . 52.14 -13.99 3.79
H2 NAG D . 50.23 -15.40 4.22
H3 NAG D . 48.56 -15.33 1.94
H4 NAG D . 49.11 -17.77 3.32
H5 NAG D . 46.66 -16.49 3.44
H61 NAG D . 47.59 -18.90 4.44
H62 NAG D . 46.09 -18.50 4.08
H81 NAG D . 52.47 -11.66 3.00
H82 NAG D . 50.92 -11.29 3.08
H83 NAG D . 51.50 -11.97 1.76
HN2 NAG D . 49.38 -13.08 2.90
HO3 NAG D . 50.15 -16.11 0.87
HO6 NAG D . 46.94 -17.24 6.21
C1 NAG D . 48.68 -18.81 1.36
C2 NAG D . 47.89 -19.45 0.27
C3 NAG D . 48.25 -20.93 0.28
C4 NAG D . 49.77 -21.07 0.11
C5 NAG D . 50.58 -20.11 1.01
C6 NAG D . 52.06 -20.07 0.71
C7 NAG D . 45.80 -18.14 -0.03
C8 NAG D . 46.63 -17.09 -0.71
N2 NAG D . 46.46 -19.24 0.41
O3 NAG D . 47.49 -21.65 -0.68
O4 NAG D . 50.15 -22.39 0.48
O5 NAG D . 50.09 -18.74 0.95
O6 NAG D . 52.79 -20.26 1.92
O7 NAG D . 44.60 -18.02 0.12
H2 NAG D . 48.12 -19.05 -0.60
H3 NAG D . 48.00 -21.34 1.14
H4 NAG D . 49.96 -20.86 -0.81
H5 NAG D . 50.45 -20.40 1.93
H61 NAG D . 52.30 -19.20 0.32
H62 NAG D . 52.28 -20.78 0.08
H81 NAG D . 46.04 -16.42 -1.12
H82 NAG D . 47.20 -17.49 -1.39
H83 NAG D . 47.20 -16.64 -0.05
HN2 NAG D . 45.96 -19.89 0.82
HO3 NAG D . 46.72 -21.85 -0.29
HO6 NAG D . 53.66 -20.30 1.76
C1 BMA D . 50.18 -23.13 -0.74
C2 BMA D . 51.04 -24.41 -0.50
C3 BMA D . 50.74 -25.40 -1.61
C4 BMA D . 49.21 -25.62 -1.75
C5 BMA D . 48.55 -24.32 -2.16
C6 BMA D . 47.04 -24.41 -2.27
O2 BMA D . 50.75 -25.08 0.72
O3 BMA D . 51.36 -26.65 -1.40
O4 BMA D . 48.95 -26.61 -2.73
O5 BMA D . 48.83 -23.36 -1.14
O6 BMA D . 46.61 -23.68 -3.41
H2 BMA D . 52.10 -24.11 -0.49
H3 BMA D . 51.13 -25.02 -2.57
H4 BMA D . 48.80 -25.92 -0.77
H5 BMA D . 48.97 -24.00 -3.14
H61 BMA D . 46.61 -24.00 -1.34
H62 BMA D . 46.77 -25.47 -2.33
HO2 BMA D . 50.88 -26.02 0.54
HO3 BMA D . 50.85 -27.29 -1.90
HO4 BMA D . 48.24 -27.15 -2.38
HO6 BMA D . 45.65 -23.85 -3.51
C1 NAG E . 49.70 -7.91 5.17
C2 NAG E . 50.36 -6.56 5.43
C3 NAG E . 51.86 -6.63 5.13
C4 NAG E . 52.50 -7.82 5.83
C5 NAG E . 51.74 -9.10 5.52
C6 NAG E . 52.27 -10.30 6.25
C7 NAG E . 49.06 -4.49 5.17
C8 NAG E . 48.48 -3.50 4.19
N2 NAG E . 49.73 -5.51 4.64
O3 NAG E . 52.47 -5.41 5.57
O4 NAG E . 53.84 -7.98 5.40
O5 NAG E . 50.37 -8.94 5.91
O6 NAG E . 51.66 -10.43 7.54
O7 NAG E . 48.91 -4.36 6.38
H2 NAG E . 50.25 -6.35 6.39
H3 NAG E . 51.98 -6.73 4.16
H4 NAG E . 52.49 -7.65 6.79
H5 NAG E . 51.78 -9.27 4.56
H61 NAG E . 53.23 -10.21 6.36
H62 NAG E . 52.07 -11.11 5.74
H81 NAG E . 47.98 -2.82 4.68
H82 NAG E . 47.90 -3.97 3.57
H83 NAG E . 49.21 -3.08 3.70
HN2 NAG E . 49.80 -5.56 3.73
HO3 NAG E . 53.28 -5.35 5.20
HO6 NAG E . 50.97 -9.88 7.60
C1 NAG E . 54.71 -7.85 6.53
C2 NAG E . 56.13 -8.21 5.98
C3 NAG E . 57.28 -7.62 6.81
C4 NAG E . 56.95 -6.23 7.36
C5 NAG E . 55.62 -6.32 8.05
C6 NAG E . 55.17 -5.06 8.71
C7 NAG E . 56.10 -10.48 4.96
C8 NAG E . 56.05 -11.94 5.26
N2 NAG E . 56.20 -9.67 6.02
O3 NAG E . 58.44 -7.51 5.99
O4 NAG E . 57.96 -5.77 8.23
O5 NAG E . 54.68 -6.58 7.01
O6 NAG E . 54.72 -4.17 7.69
O7 NAG E . 56.12 -10.06 3.81
H2 NAG E . 56.26 -7.83 5.09
H3 NAG E . 57.43 -8.22 7.56
H4 NAG E . 56.91 -5.57 6.63
H5 NAG E . 55.64 -7.02 8.74
H61 NAG E . 55.91 -4.65 9.20
H62 NAG E . 54.43 -5.24 9.32
H81 NAG E . 56.05 -12.44 4.43
H82 NAG E . 55.24 -12.14 5.76
H83 NAG E . 56.83 -12.19 5.79
HN2 NAG E . 56.32 -10.06 6.83
HO3 NAG E . 58.90 -6.79 6.26
HO4 NAG E . 57.80 -4.92 8.45
HO6 NAG E . 54.21 -4.63 7.14
C1 NAG F . 0.47 11.10 6.76
C2 NAG F . -0.48 12.26 6.51
C3 NAG F . 0.06 13.13 5.39
C4 NAG F . 1.51 13.51 5.60
C5 NAG F . 2.38 12.33 6.03
C6 NAG F . 3.73 12.74 6.57
C7 NAG F . -2.79 11.63 7.05
C8 NAG F . -4.10 11.15 6.49
N2 NAG F . -1.80 11.78 6.17
O3 NAG F . -0.75 14.29 5.26
O4 NAG F . 1.87 14.03 4.33
O5 NAG F . 1.75 11.60 7.09
O6 NAG F . 4.68 11.68 6.39
O7 NAG F . -2.63 11.86 8.25
H2 NAG F . -0.52 12.78 7.33
H3 NAG F . 0.00 12.60 4.57
H4 NAG F . 1.65 14.15 6.32
H5 NAG F . 2.49 11.75 5.26
H61 NAG F . 3.66 12.95 7.51
H62 NAG F . 4.05 13.53 6.08
H81 NAG F . -4.73 11.04 7.21
H82 NAG F . -3.96 10.30 6.04
H83 NAG F . -4.44 11.81 5.85
HN2 NAG F . -1.96 11.57 5.30
HO3 NAG F . -0.71 14.58 4.41
HO6 NAG F . 5.45 11.89 6.79
C1 NAG F . 2.39 15.34 4.71
C2 NAG F . 2.89 16.09 3.48
C3 NAG F . 3.81 17.18 4.01
C4 NAG F . 3.03 18.03 5.01
C5 NAG F . 2.22 17.21 6.05
C6 NAG F . 1.32 18.03 6.95
C7 NAG F . 2.94 14.65 1.50
C8 NAG F . 3.78 13.74 0.66
N2 NAG F . 3.56 15.20 2.56
O3 NAG F . 4.38 17.98 2.98
O4 NAG F . 3.95 18.83 5.74
O5 NAG F . 1.40 16.21 5.41
O6 NAG F . 0.77 17.22 7.99
O7 NAG F . 1.76 14.88 1.24
H2 NAG F . 2.15 16.47 2.99
H3 NAG F . 4.58 16.75 4.43
H4 NAG F . 2.39 18.57 4.50
H5 NAG F . 2.88 16.75 6.60
H61 NAG F . 0.59 18.40 6.42
H62 NAG F . 1.84 18.75 7.35
H81 NAG F . 3.23 13.38 -0.07
H82 NAG F . 4.12 13.00 1.20
H83 NAG F . 4.53 14.23 0.28
HN2 NAG F . 4.45 15.01 2.69
HO3 NAG F . 4.94 18.53 3.41
HO4 NAG F . 3.61 19.64 5.88
HO6 NAG F . 0.52 16.44 7.66
C1 NAG G . 15.17 6.42 25.26
C2 NAG G . 14.89 5.58 26.51
C3 NAG G . 14.19 6.42 27.57
C4 NAG G . 15.01 7.67 27.88
C5 NAG G . 15.28 8.44 26.59
C6 NAG G . 16.20 9.63 26.80
C7 NAG G . 14.60 3.17 26.12
C8 NAG G . 13.65 2.07 25.76
N2 NAG G . 14.09 4.40 26.18
O3 NAG G . 14.02 5.65 28.76
O4 NAG G . 14.29 8.50 28.78
O5 NAG G . 15.93 7.59 25.63
O6 NAG G . 16.93 9.95 25.62
O7 NAG G . 15.79 2.94 26.34
H2 NAG G . 15.75 5.29 26.87
H3 NAG G . 13.31 6.68 27.24
H4 NAG G . 15.85 7.40 28.27
H5 NAG G . 14.43 8.74 26.20
H61 NAG G . 16.83 9.41 27.52
H62 NAG G . 15.66 10.40 27.06
H81 NAG G . 14.12 1.23 25.72
H82 NAG G . 13.24 2.27 24.90
H83 NAG G . 12.94 2.03 26.45
HN2 NAG G . 13.21 4.51 26.00
HO3 NAG G . 13.60 6.14 29.36
HO4 NAG G . 14.88 8.98 29.25
HO6 NAG G . 16.54 9.57 24.92
C1 NAG H . 47.45 -17.70 14.57
C2 NAG H . 47.86 -19.14 14.91
C3 NAG H . 49.38 -19.24 15.06
C4 NAG H . 50.09 -18.65 13.85
C5 NAG H . 49.60 -17.22 13.61
C6 NAG H . 50.19 -16.57 12.38
C7 NAG H . 46.44 -20.68 16.19
C8 NAG H . 45.85 -21.00 17.52
N2 NAG H . 47.21 -19.59 16.12
O3 NAG H . 49.76 -20.61 15.21
O4 NAG H . 51.49 -18.62 14.06
O5 NAG H . 48.17 -17.24 13.42
O6 NAG H . 51.00 -15.46 12.74
O7 NAG H . 46.23 -21.39 15.21
H2 NAG H . 47.60 -19.71 14.17
H3 NAG H . 49.65 -18.74 15.86
H4 NAG H . 49.89 -19.19 13.06
H5 NAG H . 49.81 -16.68 14.39
H61 NAG H . 49.48 -16.27 11.80
H62 NAG H . 50.74 -17.23 11.91
H81 NAG H . 45.25 -21.76 17.44
H82 NAG H . 45.35 -20.23 17.85
H83 NAG H . 46.56 -21.21 18.15
HN2 NAG H . 47.32 -19.10 16.88
HO3 NAG H . 50.63 -20.69 15.10
HO4 NAG H . 51.92 -18.59 13.27
HO6 NAG H . 51.39 -15.14 12.01
C1 NAG I . 36.86 -10.67 25.31
C2 NAG I . 37.77 -11.71 25.97
C3 NAG I . 37.25 -13.12 25.66
C4 NAG I . 35.79 -13.25 26.08
C5 NAG I . 34.96 -12.15 25.43
C6 NAG I . 33.52 -12.13 25.90
C7 NAG I . 40.12 -11.09 26.27
C8 NAG I . 41.48 -11.02 25.65
N2 NAG I . 39.14 -11.57 25.50
O3 NAG I . 38.04 -14.07 26.37
O4 NAG I . 35.28 -14.51 25.68
O5 NAG I . 35.51 -10.85 25.76
O6 NAG I . 33.02 -10.80 26.00
O7 NAG I . 39.92 -10.74 27.43
H2 NAG I . 37.74 -11.57 26.92
H3 NAG I . 37.32 -13.29 24.70
H4 NAG I . 35.73 -13.17 27.05
H5 NAG I . 34.98 -12.26 24.46
H61 NAG I . 33.46 -12.56 26.77
H62 NAG I . 32.97 -12.63 25.26
H81 NAG I . 42.12 -10.69 26.30
H82 NAG I . 41.45 -10.40 24.89
H83 NAG I . 41.74 -11.90 25.34
HN2 NAG I . 39.34 -11.82 24.65
HO3 NAG I . 37.74 -14.89 26.19
HO4 NAG I . 34.58 -14.72 26.19
HO6 NAG I . 33.69 -10.23 25.88
C1 NAG J . -48.45 -14.46 -12.74
C2 NAG J . -48.25 -15.93 -12.37
C3 NAG J . -49.62 -16.61 -12.23
C4 NAG J . -50.49 -15.85 -11.24
C5 NAG J . -50.59 -14.39 -11.66
C6 NAG J . -51.37 -13.54 -10.66
C7 NAG J . -46.47 -17.48 -13.09
C8 NAG J . -46.22 -17.76 -11.64
N2 NAG J . -47.45 -16.61 -13.37
O3 NAG J . -49.42 -17.95 -11.77
O4 NAG J . -51.80 -16.42 -11.20
O5 NAG J . -49.29 -13.81 -11.76
O6 NAG J . -51.93 -12.40 -11.28
O7 NAG J . -45.82 -18.03 -13.98
H2 NAG J . -47.81 -15.98 -11.51
H3 NAG J . -50.06 -16.63 -13.09
H4 NAG J . -50.09 -15.90 -10.35
H5 NAG J . -51.04 -14.33 -12.53
H61 NAG J . -50.76 -13.26 -9.95
H62 NAG J . -52.07 -14.08 -10.27
H81 NAG J . -45.53 -18.45 -11.55
H82 NAG J . -47.05 -18.08 -11.22
H83 NAG J . -45.92 -16.95 -11.20
HN2 NAG J . -47.62 -16.43 -14.25
HO3 NAG J . -50.22 -18.31 -11.56
HO4 NAG J . -52.09 -16.42 -10.36
HO6 NAG J . -52.29 -11.88 -10.66
#